data_6XAH
#
_entry.id   6XAH
#
loop_
_entity.id
_entity.type
_entity.pdbx_description
1 polymer "DNA (5'-D(*TP*AP*TP*GP*TP*CP*TP*AP*AP*GP*TP*TP*CP*AP*TP*CP*TP*A)-3')"
2 polymer "DNA (5'-D(*TP*AP*GP*AP*TP*GP*AP*AP*CP*(AAB)P*TP*AP*GP*AP*CP*AP*TP*A)-3')"
#
loop_
_entity_poly.entity_id
_entity_poly.type
_entity_poly.pdbx_seq_one_letter_code
_entity_poly.pdbx_strand_id
1 'polydeoxyribonucleotide' (DT)(DA)(DT)(DG)(DT)(DC)(DT)(DA)(DA)(DG)(DT)(DT)(DC)(DA)(DT)(DC)(DT)(DA) A
2 'polydeoxyribonucleotide' (DT)(DA)(DG)(DA)(DT)(DG)(DA)(DA)(DC)(AAB)(DT)(DA)(DG)(DA)(DC)(DA)(DT)(DA) B
#